data_3SUM
#
_entry.id   3SUM
#
_cell.length_a   49.670
_cell.length_b   107.870
_cell.length_c   112.680
_cell.angle_alpha   90.00
_cell.angle_beta   90.00
_cell.angle_gamma   90.00
#
_symmetry.space_group_name_H-M   'P 21 21 21'
#
loop_
_entity.id
_entity.type
_entity.pdbx_description
1 polymer 'Cerato-platanin-like protein'
2 water water
#
_entity_poly.entity_id   1
_entity_poly.type   'polypeptide(L)'
_entity_poly.pdbx_seq_one_letter_code
;SNWLIKWDDKFQNDTLSISEFKCSAALAKLGPDPKHPPTKLGEVLNFPHFVAAPEAQTECGSCWKLRYKGNHAFVTVVDR
VEEANLFVGGTDLVKNLTTFNGAPEGYDWGTAQLFSAYQVDGSCCQQNTGKQCGDP
;
_entity_poly.pdbx_strand_id   A,B,C,D
#
# COMPACT_ATOMS: atom_id res chain seq x y z
N ASN A 2 5.53 20.20 -22.86
CA ASN A 2 5.76 20.45 -21.41
C ASN A 2 5.74 19.09 -20.68
N TRP A 3 6.53 18.11 -21.12
CA TRP A 3 6.54 16.82 -20.44
C TRP A 3 7.44 16.89 -19.25
N LEU A 4 7.01 16.27 -18.14
CA LEU A 4 7.80 16.11 -16.90
C LEU A 4 8.19 14.64 -16.80
N ILE A 5 9.31 14.35 -16.13
CA ILE A 5 9.54 12.97 -15.79
C ILE A 5 9.91 12.93 -14.28
N LYS A 6 9.47 11.91 -13.61
CA LYS A 6 9.79 11.68 -12.22
C LYS A 6 10.24 10.23 -12.21
N TRP A 7 10.88 9.83 -11.14
CA TRP A 7 11.35 8.48 -11.08
C TRP A 7 10.68 7.74 -9.95
N ASP A 8 10.69 6.43 -10.10
CA ASP A 8 10.03 5.51 -9.18
C ASP A 8 10.67 4.16 -9.45
N ASP A 9 11.10 3.54 -8.36
CA ASP A 9 11.70 2.24 -8.34
C ASP A 9 10.81 1.17 -8.90
N LYS A 10 9.47 1.37 -8.82
CA LYS A 10 8.55 0.37 -9.37
C LYS A 10 8.93 -0.10 -10.78
N PHE A 11 9.29 0.85 -11.62
CA PHE A 11 9.51 0.57 -13.05
C PHE A 11 10.87 -0.07 -13.34
N GLN A 12 11.64 -0.31 -12.31
CA GLN A 12 12.82 -1.17 -12.57
C GLN A 12 12.84 -2.32 -11.58
N ASN A 13 11.66 -2.61 -11.08
CA ASN A 13 11.51 -3.78 -10.19
C ASN A 13 11.16 -4.99 -11.00
N ASP A 14 12.20 -5.78 -11.34
CA ASP A 14 12.09 -6.89 -12.23
C ASP A 14 11.15 -7.91 -11.66
N THR A 15 10.95 -7.87 -10.35
CA THR A 15 10.23 -8.98 -9.69
C THR A 15 8.75 -8.82 -9.67
N LEU A 16 8.28 -7.63 -10.04
CA LEU A 16 6.86 -7.40 -9.97
C LEU A 16 6.06 -8.11 -11.02
N SER A 17 4.96 -8.69 -10.58
CA SER A 17 4.03 -9.26 -11.53
C SER A 17 3.57 -8.19 -12.51
N ILE A 18 3.42 -8.56 -13.79
CA ILE A 18 2.91 -7.59 -14.76
C ILE A 18 1.46 -7.15 -14.40
N SER A 19 0.80 -7.90 -13.52
CA SER A 19 -0.58 -7.56 -13.10
C SER A 19 -0.58 -6.25 -12.31
N GLU A 20 0.57 -5.86 -11.77
CA GLU A 20 0.66 -4.69 -10.98
C GLU A 20 0.69 -3.36 -11.76
N PHE A 21 0.56 -3.42 -13.08
CA PHE A 21 0.73 -2.28 -13.97
C PHE A 21 -0.53 -2.17 -14.76
N LYS A 22 -0.93 -0.95 -15.06
CA LYS A 22 -2.21 -0.79 -15.71
C LYS A 22 -2.13 -1.11 -17.16
N CYS A 23 -0.95 -1.48 -17.67
CA CYS A 23 -0.83 -1.94 -19.04
C CYS A 23 -0.64 -3.46 -19.09
N SER A 24 -1.09 -4.18 -18.07
CA SER A 24 -0.77 -5.62 -17.93
C SER A 24 -1.12 -6.43 -19.19
N ALA A 25 -2.20 -6.10 -19.89
CA ALA A 25 -2.53 -6.89 -21.06
C ALA A 25 -1.51 -6.68 -22.19
N ALA A 26 -1.14 -5.44 -22.42
CA ALA A 26 -0.16 -5.16 -23.46
C ALA A 26 1.18 -5.82 -23.05
N LEU A 27 1.52 -5.77 -21.76
CA LEU A 27 2.77 -6.39 -21.25
C LEU A 27 2.87 -7.87 -21.53
N ALA A 28 1.73 -8.55 -21.47
CA ALA A 28 1.66 -9.99 -21.72
C ALA A 28 2.11 -10.29 -23.13
N LYS A 29 1.96 -9.33 -24.02
CA LYS A 29 2.39 -9.53 -25.41
C LYS A 29 3.77 -8.99 -25.74
N LEU A 30 4.49 -8.55 -24.71
CA LEU A 30 5.72 -7.84 -24.89
C LEU A 30 6.86 -8.56 -24.27
N GLY A 31 6.75 -9.88 -24.22
CA GLY A 31 7.89 -10.73 -23.89
C GLY A 31 8.67 -10.97 -25.15
N PRO A 32 9.89 -11.54 -25.02
CA PRO A 32 10.65 -11.88 -26.26
C PRO A 32 9.98 -13.03 -27.08
N ASP A 33 9.14 -13.86 -26.45
CA ASP A 33 8.09 -14.62 -27.19
C ASP A 33 6.70 -14.00 -27.00
N PRO A 34 6.12 -13.45 -28.09
CA PRO A 34 4.80 -12.74 -28.01
C PRO A 34 3.62 -13.67 -27.65
N LYS A 35 3.88 -14.97 -27.68
CA LYS A 35 2.86 -15.96 -27.33
C LYS A 35 2.92 -16.33 -25.85
N HIS A 36 4.12 -16.42 -25.30
CA HIS A 36 4.29 -16.79 -23.86
C HIS A 36 4.38 -15.52 -23.01
N PRO A 37 3.27 -15.15 -22.39
CA PRO A 37 3.34 -13.91 -21.64
C PRO A 37 4.55 -13.88 -20.69
N PRO A 38 5.25 -12.74 -20.60
CA PRO A 38 6.00 -12.48 -19.42
C PRO A 38 5.10 -12.61 -18.20
N THR A 39 5.63 -13.02 -17.07
CA THR A 39 4.81 -12.96 -15.85
C THR A 39 5.28 -11.79 -14.98
N LYS A 40 6.51 -11.33 -15.22
CA LYS A 40 7.11 -10.29 -14.39
C LYS A 40 7.64 -9.15 -15.25
N LEU A 41 7.76 -7.99 -14.63
CA LEU A 41 8.17 -6.80 -15.38
C LEU A 41 9.54 -7.00 -15.97
N GLY A 42 10.39 -7.73 -15.26
CA GLY A 42 11.80 -7.94 -15.70
C GLY A 42 11.92 -8.68 -17.02
N GLU A 43 10.87 -9.38 -17.43
CA GLU A 43 10.91 -10.17 -18.66
C GLU A 43 10.43 -9.42 -19.85
N VAL A 44 9.87 -8.23 -19.63
CA VAL A 44 9.26 -7.53 -20.74
C VAL A 44 10.35 -6.86 -21.57
N LEU A 45 10.23 -6.91 -22.86
CA LEU A 45 11.16 -6.17 -23.74
C LEU A 45 11.40 -4.73 -23.37
N ASN A 46 12.67 -4.33 -23.35
CA ASN A 46 13.13 -3.00 -23.00
C ASN A 46 13.19 -2.67 -21.53
N PHE A 47 13.01 -3.64 -20.65
CA PHE A 47 13.14 -3.46 -19.26
C PHE A 47 14.62 -3.06 -19.06
N PRO A 48 14.90 -2.06 -18.26
CA PRO A 48 13.97 -1.33 -17.40
C PRO A 48 13.81 0.12 -17.88
N HIS A 49 13.73 0.31 -19.20
CA HIS A 49 13.51 1.65 -19.70
C HIS A 49 12.01 1.83 -19.85
N PHE A 50 11.36 1.85 -18.70
CA PHE A 50 9.92 1.76 -18.62
C PHE A 50 9.36 3.00 -17.94
N VAL A 51 8.14 3.40 -18.35
CA VAL A 51 7.55 4.54 -17.77
C VAL A 51 6.06 4.29 -17.58
N ALA A 52 5.50 4.95 -16.59
CA ALA A 52 4.05 5.14 -16.55
C ALA A 52 3.77 6.40 -17.28
N ALA A 53 2.62 6.51 -17.93
CA ALA A 53 2.31 7.71 -18.66
C ALA A 53 0.80 7.75 -18.79
N PRO A 54 0.26 8.90 -19.16
CA PRO A 54 -1.17 9.02 -19.06
C PRO A 54 -1.83 8.28 -20.18
N GLU A 55 -3.01 7.75 -19.90
CA GLU A 55 -3.85 7.17 -20.90
C GLU A 55 -4.23 8.32 -21.90
N ALA A 56 -4.56 7.96 -23.13
CA ALA A 56 -5.07 8.88 -24.17
C ALA A 56 -3.90 9.54 -24.76
N GLN A 57 -3.04 10.13 -23.95
CA GLN A 57 -1.81 10.70 -24.52
C GLN A 57 -0.81 9.65 -24.97
N THR A 58 -0.84 8.48 -24.34
CA THR A 58 0.10 7.38 -24.67
C THR A 58 -0.68 6.07 -24.62
N GLU A 59 -0.29 5.14 -25.49
CA GLU A 59 -0.90 3.84 -25.55
C GLU A 59 -0.04 2.88 -24.78
N CYS A 60 -0.71 1.91 -24.17
CA CYS A 60 -0.03 0.86 -23.43
C CYS A 60 0.95 0.20 -24.36
N GLY A 61 2.18 0.04 -23.90
CA GLY A 61 3.17 -0.62 -24.75
C GLY A 61 3.80 0.27 -25.78
N SER A 62 3.42 1.55 -25.87
CA SER A 62 4.03 2.36 -26.93
C SER A 62 5.46 2.71 -26.56
N CYS A 63 6.17 3.18 -27.56
CA CYS A 63 7.62 3.47 -27.39
C CYS A 63 7.79 4.92 -27.58
N TRP A 64 8.49 5.61 -26.66
CA TRP A 64 8.60 7.05 -26.73
C TRP A 64 10.06 7.46 -26.62
N LYS A 65 10.45 8.40 -27.44
CA LYS A 65 11.78 8.93 -27.31
C LYS A 65 11.72 10.16 -26.42
N LEU A 66 12.54 10.20 -25.37
CA LEU A 66 12.50 11.33 -24.45
C LEU A 66 13.83 12.05 -24.61
N ARG A 67 13.81 13.38 -24.54
CA ARG A 67 15.10 14.12 -24.52
C ARG A 67 15.17 15.00 -23.28
N TYR A 68 16.34 15.00 -22.66
CA TYR A 68 16.66 15.97 -21.64
C TYR A 68 18.03 16.51 -22.00
N LYS A 69 18.11 17.85 -22.16
CA LYS A 69 19.34 18.50 -22.56
C LYS A 69 19.91 17.70 -23.75
N GLY A 70 21.14 17.21 -23.64
CA GLY A 70 21.75 16.49 -24.75
C GLY A 70 21.62 14.97 -24.67
N ASN A 71 20.74 14.48 -23.80
CA ASN A 71 20.52 13.04 -23.61
C ASN A 71 19.18 12.63 -24.20
N HIS A 72 19.06 11.37 -24.54
CA HIS A 72 17.76 10.87 -24.95
C HIS A 72 17.67 9.40 -24.54
N ALA A 73 16.43 8.91 -24.51
CA ALA A 73 16.22 7.53 -24.21
C ALA A 73 14.96 7.06 -24.89
N PHE A 74 14.87 5.77 -25.10
CA PHE A 74 13.67 5.21 -25.63
C PHE A 74 12.99 4.39 -24.56
N VAL A 75 11.71 4.71 -24.31
CA VAL A 75 11.04 4.12 -23.18
C VAL A 75 9.73 3.44 -23.58
N THR A 76 9.34 2.35 -22.86
CA THR A 76 8.13 1.69 -23.14
C THR A 76 7.14 2.15 -22.11
N VAL A 77 5.91 2.49 -22.55
CA VAL A 77 4.91 2.77 -21.59
C VAL A 77 4.34 1.45 -21.03
N VAL A 78 4.39 1.27 -19.70
CA VAL A 78 4.03 0.02 -19.10
C VAL A 78 3.00 0.21 -17.99
N ASP A 79 2.63 1.46 -17.73
CA ASP A 79 1.66 1.69 -16.62
C ASP A 79 1.05 3.07 -16.84
N ARG A 80 0.17 3.53 -15.96
CA ARG A 80 -0.53 4.77 -16.18
C ARG A 80 -0.24 5.67 -15.01
N VAL A 81 -0.11 6.97 -15.23
CA VAL A 81 -0.27 7.94 -14.14
C VAL A 81 -1.41 8.79 -14.68
N GLU A 82 -2.16 9.47 -13.87
CA GLU A 82 -3.24 10.24 -14.55
C GLU A 82 -3.05 11.74 -14.49
N GLU A 83 -1.80 12.17 -14.68
CA GLU A 83 -1.44 13.54 -14.68
C GLU A 83 -1.01 13.84 -16.09
N ALA A 84 -1.58 14.86 -16.71
CA ALA A 84 -1.22 15.10 -18.11
C ALA A 84 0.25 15.37 -18.22
N ASN A 85 0.85 14.92 -19.32
CA ASN A 85 2.21 15.30 -19.62
C ASN A 85 3.21 14.83 -18.60
N LEU A 86 2.90 13.74 -17.92
CA LEU A 86 3.82 13.24 -16.91
C LEU A 86 4.30 11.82 -17.29
N PHE A 87 5.62 11.59 -17.34
CA PHE A 87 6.15 10.25 -17.32
C PHE A 87 6.71 9.96 -15.95
N VAL A 88 6.57 8.71 -15.50
CA VAL A 88 7.27 8.30 -14.30
C VAL A 88 8.14 7.15 -14.73
N GLY A 89 9.45 7.27 -14.59
CA GLY A 89 10.26 6.23 -15.16
C GLY A 89 11.08 5.53 -14.08
N GLY A 90 11.67 4.42 -14.46
CA GLY A 90 12.55 3.69 -13.58
C GLY A 90 13.66 4.57 -13.17
N THR A 91 14.18 4.31 -11.98
CA THR A 91 15.23 5.13 -11.41
C THR A 91 16.49 5.30 -12.31
N ASP A 92 17.04 4.21 -12.78
CA ASP A 92 18.28 4.28 -13.54
C ASP A 92 18.01 4.98 -14.89
N LEU A 93 16.89 4.63 -15.50
CA LEU A 93 16.50 5.34 -16.73
C LEU A 93 16.55 6.85 -16.52
N VAL A 94 15.88 7.33 -15.46
CA VAL A 94 15.76 8.72 -15.24
C VAL A 94 17.05 9.36 -14.86
N LYS A 95 17.81 8.64 -14.05
CA LYS A 95 19.07 9.10 -13.60
C LYS A 95 19.97 9.30 -14.78
N ASN A 96 19.98 8.35 -15.70
CA ASN A 96 20.82 8.50 -16.84
C ASN A 96 20.29 9.53 -17.82
N LEU A 97 18.97 9.61 -17.99
CA LEU A 97 18.47 10.56 -19.00
C LEU A 97 18.74 12.00 -18.55
N THR A 98 18.72 12.24 -17.23
CA THR A 98 18.58 13.60 -16.71
C THR A 98 19.82 13.99 -15.97
N THR A 99 20.91 13.31 -16.28
CA THR A 99 22.23 13.72 -15.84
C THR A 99 22.87 14.58 -16.94
N PHE A 100 23.45 15.70 -16.56
CA PHE A 100 24.06 16.61 -17.50
C PHE A 100 25.51 16.86 -17.04
N ASN A 101 26.45 16.37 -17.84
CA ASN A 101 27.88 16.55 -17.60
C ASN A 101 28.17 16.15 -16.17
N GLY A 102 27.70 14.96 -15.75
CA GLY A 102 28.02 14.44 -14.44
C GLY A 102 27.04 14.85 -13.33
N ALA A 103 26.20 15.85 -13.56
CA ALA A 103 25.29 16.25 -12.50
C ALA A 103 23.93 15.54 -12.67
N PRO A 104 23.51 14.74 -11.69
CA PRO A 104 22.25 14.02 -11.83
C PRO A 104 21.12 14.94 -11.52
N GLU A 105 20.91 15.94 -12.36
CA GLU A 105 19.89 16.95 -12.07
C GLU A 105 18.51 16.42 -11.76
N GLY A 106 18.03 15.57 -12.64
CA GLY A 106 16.66 15.08 -12.54
C GLY A 106 16.50 14.13 -11.38
N TYR A 107 17.52 13.28 -11.20
CA TYR A 107 17.44 12.26 -10.17
C TYR A 107 17.49 12.91 -8.79
N ASP A 108 18.43 13.84 -8.60
CA ASP A 108 18.62 14.44 -7.28
C ASP A 108 17.41 15.28 -6.93
N TRP A 109 16.85 15.96 -7.92
CA TRP A 109 15.67 16.77 -7.59
C TRP A 109 14.40 15.93 -7.45
N GLY A 110 14.34 14.93 -8.32
CA GLY A 110 13.33 13.91 -8.38
C GLY A 110 12.27 14.18 -9.47
N THR A 111 12.25 15.41 -10.00
CA THR A 111 11.33 15.71 -11.10
C THR A 111 12.20 16.50 -12.06
N ALA A 112 12.06 16.25 -13.34
CA ALA A 112 12.81 17.00 -14.38
C ALA A 112 11.83 17.32 -15.50
N GLN A 113 12.01 18.47 -16.16
CA GLN A 113 11.21 18.76 -17.32
C GLN A 113 11.99 18.26 -18.51
N LEU A 114 11.27 17.64 -19.46
CA LEU A 114 11.89 17.10 -20.67
C LEU A 114 11.96 18.13 -21.72
N PHE A 115 12.99 18.07 -22.57
CA PHE A 115 12.99 18.90 -23.78
C PHE A 115 11.86 18.49 -24.71
N SER A 116 11.62 17.17 -24.88
CA SER A 116 10.59 16.74 -25.82
C SER A 116 10.31 15.29 -25.49
N ALA A 117 9.18 14.80 -25.96
CA ALA A 117 8.83 13.39 -25.89
C ALA A 117 7.92 13.18 -27.05
N TYR A 118 8.18 12.13 -27.84
CA TYR A 118 7.24 11.77 -28.89
C TYR A 118 7.35 10.29 -29.16
N GLN A 119 6.27 9.72 -29.67
CA GLN A 119 6.24 8.31 -29.86
C GLN A 119 7.01 8.02 -31.11
N VAL A 120 7.66 6.85 -31.07
CA VAL A 120 8.46 6.35 -32.16
C VAL A 120 8.05 4.92 -32.41
N ASP A 121 8.57 4.35 -33.48
CA ASP A 121 8.29 2.95 -33.74
C ASP A 121 8.69 2.04 -32.61
N GLY A 122 7.91 1.00 -32.37
CA GLY A 122 8.21 0.08 -31.26
C GLY A 122 9.58 -0.62 -31.40
N SER A 123 10.13 -0.72 -32.61
CA SER A 123 11.48 -1.37 -32.71
C SER A 123 12.51 -0.61 -31.90
N CYS A 124 12.32 0.70 -31.71
CA CYS A 124 13.22 1.44 -30.86
C CYS A 124 13.18 0.95 -29.42
N CYS A 125 12.07 0.32 -29.03
CA CYS A 125 11.94 -0.24 -27.67
C CYS A 125 12.03 -1.81 -27.75
N GLN A 126 12.71 -2.30 -28.78
CA GLN A 126 13.04 -3.74 -28.99
C GLN A 126 11.80 -4.54 -29.33
N GLN A 127 10.75 -3.88 -29.79
CA GLN A 127 9.55 -4.61 -30.10
C GLN A 127 9.67 -5.12 -31.54
N ASN A 128 9.04 -6.24 -31.81
CA ASN A 128 9.20 -6.79 -33.16
C ASN A 128 8.13 -6.19 -34.09
N THR A 129 8.32 -4.95 -34.50
CA THR A 129 7.34 -4.29 -35.43
C THR A 129 7.68 -4.63 -36.88
N GLY A 130 8.86 -5.22 -37.09
CA GLY A 130 9.33 -5.41 -38.48
C GLY A 130 10.23 -4.27 -38.96
N LYS A 131 10.11 -3.08 -38.37
CA LYS A 131 10.93 -1.92 -38.86
C LYS A 131 12.20 -1.77 -38.08
N GLN A 132 13.11 -0.94 -38.59
CA GLN A 132 14.37 -0.71 -37.89
C GLN A 132 14.14 0.60 -37.14
N CYS A 133 14.73 0.71 -35.98
CA CYS A 133 14.59 1.95 -35.21
C CYS A 133 15.25 3.09 -35.96
N GLY A 134 16.52 2.94 -36.32
CA GLY A 134 17.15 4.00 -37.06
C GLY A 134 17.44 5.11 -36.09
N ASP A 135 17.10 6.32 -36.50
CA ASP A 135 17.49 7.51 -35.74
CA ASP A 135 17.46 7.49 -35.74
C ASP A 135 16.32 8.49 -35.73
N PRO A 136 15.18 8.10 -35.10
CA PRO A 136 13.98 8.95 -35.05
C PRO A 136 14.08 10.17 -34.16
N SER B 1 -1.57 18.94 -9.70
CA SER B 1 -0.66 20.10 -9.81
C SER B 1 0.75 19.63 -9.38
N ASN B 2 1.78 20.44 -9.58
CA ASN B 2 3.07 20.07 -9.04
C ASN B 2 3.25 20.91 -7.78
N TRP B 3 3.93 20.35 -6.77
CA TRP B 3 3.93 20.96 -5.45
C TRP B 3 5.33 21.03 -4.94
N LEU B 4 5.64 22.13 -4.27
CA LEU B 4 6.82 22.26 -3.50
C LEU B 4 6.42 22.07 -2.07
N ILE B 5 7.37 21.65 -1.29
CA ILE B 5 7.22 21.57 0.16
C ILE B 5 8.31 22.27 0.91
N LYS B 6 7.90 23.05 1.89
CA LYS B 6 8.78 23.76 2.83
C LYS B 6 8.44 23.31 4.26
N TRP B 7 9.17 23.85 5.24
CA TRP B 7 8.97 23.39 6.64
C TRP B 7 8.83 24.61 7.56
N ASP B 8 8.11 24.41 8.66
CA ASP B 8 7.91 25.44 9.64
C ASP B 8 7.52 24.73 10.93
N ASP B 9 8.11 25.14 12.04
CA ASP B 9 7.88 24.46 13.33
C ASP B 9 6.48 24.76 13.80
N LYS B 10 5.87 25.79 13.26
CA LYS B 10 4.50 26.12 13.70
C LYS B 10 3.56 24.93 13.62
N PHE B 11 3.72 24.10 12.58
CA PHE B 11 2.77 23.02 12.35
C PHE B 11 3.02 21.81 13.20
N GLN B 12 4.01 21.91 14.07
CA GLN B 12 4.15 20.91 15.11
C GLN B 12 4.21 21.53 16.53
N ASN B 13 3.63 22.68 16.66
CA ASN B 13 3.72 23.46 17.91
C ASN B 13 2.55 23.01 18.75
N ASP B 14 2.83 21.98 19.52
CA ASP B 14 1.86 21.18 20.31
C ASP B 14 0.95 22.12 21.09
N THR B 15 1.56 23.01 21.88
CA THR B 15 0.73 23.84 22.78
C THR B 15 0.21 25.13 22.15
N LEU B 16 0.35 25.31 20.82
CA LEU B 16 -0.11 26.56 20.23
C LEU B 16 -1.61 26.51 20.05
N SER B 17 -2.30 27.57 20.45
CA SER B 17 -3.75 27.62 20.25
C SER B 17 -4.19 27.36 18.79
N ILE B 18 -5.28 26.63 18.59
CA ILE B 18 -5.81 26.48 17.24
C ILE B 18 -6.23 27.77 16.58
N SER B 19 -6.47 28.80 17.40
CA SER B 19 -6.90 30.09 16.91
CA SER B 19 -6.91 30.10 16.91
C SER B 19 -5.84 30.75 16.06
N GLU B 20 -4.61 30.30 16.18
CA GLU B 20 -3.45 30.83 15.44
C GLU B 20 -3.37 30.29 13.99
N PHE B 21 -4.33 29.46 13.66
CA PHE B 21 -4.33 28.76 12.39
C PHE B 21 -5.55 29.17 11.55
N LYS B 22 -5.35 29.40 10.25
CA LYS B 22 -6.48 29.81 9.44
C LYS B 22 -7.60 28.79 9.40
N CYS B 23 -7.25 27.54 9.65
CA CYS B 23 -8.26 26.48 9.62
C CYS B 23 -8.82 26.15 11.02
N SER B 24 -8.71 27.08 11.95
CA SER B 24 -9.11 26.88 13.36
C SER B 24 -10.51 26.27 13.42
N ALA B 25 -11.41 26.64 12.51
CA ALA B 25 -12.81 26.13 12.58
C ALA B 25 -12.89 24.63 12.30
N ALA B 26 -12.16 24.17 11.30
CA ALA B 26 -12.14 22.73 11.02
C ALA B 26 -11.37 22.02 12.14
N LEU B 27 -10.37 22.68 12.69
CA LEU B 27 -9.50 21.99 13.66
C LEU B 27 -10.29 21.80 14.95
N ALA B 28 -11.18 22.74 15.26
CA ALA B 28 -12.06 22.58 16.41
C ALA B 28 -12.93 21.31 16.29
N LYS B 29 -13.14 20.83 15.06
CA LYS B 29 -13.95 19.63 14.80
C LYS B 29 -13.12 18.36 14.58
N LEU B 30 -11.81 18.44 14.77
CA LEU B 30 -10.92 17.33 14.45
C LEU B 30 -10.19 16.83 15.68
N GLY B 31 -10.87 16.84 16.81
CA GLY B 31 -10.31 16.20 17.98
C GLY B 31 -10.96 14.87 18.16
N PRO B 32 -10.36 14.02 19.01
CA PRO B 32 -10.95 12.72 19.33
C PRO B 32 -12.16 12.79 20.27
N ASP B 33 -12.38 13.92 20.91
CA ASP B 33 -13.36 13.96 22.02
C ASP B 33 -14.46 14.95 21.75
N PRO B 34 -15.62 14.46 21.32
CA PRO B 34 -16.82 15.32 21.10
C PRO B 34 -17.07 16.33 22.24
N LYS B 35 -16.88 15.94 23.48
CA LYS B 35 -17.19 16.79 24.63
C LYS B 35 -16.06 17.71 25.00
N HIS B 36 -14.95 17.58 24.30
CA HIS B 36 -13.78 18.38 24.62
C HIS B 36 -13.04 18.65 23.32
N PRO B 37 -13.58 19.53 22.47
CA PRO B 37 -12.96 19.94 21.20
C PRO B 37 -11.54 20.45 21.45
N PRO B 38 -10.60 20.24 20.47
CA PRO B 38 -9.26 20.77 20.65
C PRO B 38 -9.27 22.25 20.83
N THR B 39 -8.34 22.72 21.64
CA THR B 39 -8.08 24.13 21.64
C THR B 39 -6.65 24.36 21.32
N LYS B 40 -5.87 23.29 21.35
CA LYS B 40 -4.45 23.34 21.01
C LYS B 40 -4.15 22.51 19.78
N LEU B 41 -3.15 22.94 19.01
CA LEU B 41 -2.75 22.16 17.84
C LEU B 41 -2.45 20.67 18.13
N GLY B 42 -1.79 20.40 19.25
CA GLY B 42 -1.35 19.07 19.56
C GLY B 42 -2.54 18.16 19.84
N GLU B 43 -3.72 18.73 20.06
CA GLU B 43 -4.91 17.92 20.31
C GLU B 43 -5.64 17.50 19.05
N VAL B 44 -5.21 18.02 17.91
CA VAL B 44 -5.89 17.66 16.68
C VAL B 44 -5.42 16.29 16.16
N LEU B 45 -6.36 15.51 15.72
CA LEU B 45 -6.04 14.23 15.16
C LEU B 45 -4.95 14.39 14.06
N ASN B 46 -4.00 13.48 14.07
CA ASN B 46 -2.89 13.41 13.11
C ASN B 46 -1.74 14.37 13.45
N PHE B 47 -1.84 15.09 14.55
CA PHE B 47 -0.70 15.95 14.94
C PHE B 47 0.50 15.02 15.05
N PRO B 48 1.70 15.40 14.60
CA PRO B 48 2.16 16.69 14.05
C PRO B 48 2.31 16.66 12.53
N HIS B 49 1.50 15.81 11.91
CA HIS B 49 1.56 15.64 10.45
C HIS B 49 0.69 16.65 9.77
N PHE B 50 1.05 17.91 9.94
CA PHE B 50 0.23 19.06 9.56
C PHE B 50 0.96 19.95 8.58
N VAL B 51 0.14 20.55 7.74
CA VAL B 51 0.64 21.44 6.74
C VAL B 51 -0.21 22.68 6.61
N ALA B 52 0.43 23.75 6.13
CA ALA B 52 -0.31 24.83 5.52
C ALA B 52 -0.33 24.61 4.03
N ALA B 53 -1.44 24.99 3.41
CA ALA B 53 -1.60 24.80 1.98
C ALA B 53 -2.52 25.92 1.51
N PRO B 54 -2.50 26.24 0.19
CA PRO B 54 -3.23 27.37 -0.37
C PRO B 54 -4.69 27.11 -0.37
N GLU B 55 -5.47 28.13 -0.05
CA GLU B 55 -6.90 27.97 0.02
C GLU B 55 -7.49 27.63 -1.34
N ALA B 56 -6.95 28.22 -2.39
CA ALA B 56 -7.45 27.92 -3.72
C ALA B 56 -7.28 26.46 -4.08
N GLN B 57 -6.38 25.72 -3.39
CA GLN B 57 -6.14 24.32 -3.82
C GLN B 57 -6.53 23.21 -2.85
N THR B 58 -6.87 23.57 -1.64
CA THR B 58 -7.05 22.58 -0.58
C THR B 58 -8.10 23.11 0.36
N GLU B 59 -8.87 22.20 0.94
CA GLU B 59 -9.84 22.49 1.97
C GLU B 59 -9.27 22.37 3.38
N CYS B 60 -9.62 23.30 4.26
CA CYS B 60 -9.35 23.25 5.70
C CYS B 60 -9.63 21.88 6.25
N GLY B 61 -8.66 21.26 6.92
CA GLY B 61 -8.94 20.00 7.59
C GLY B 61 -8.81 18.78 6.68
N SER B 62 -8.49 18.96 5.39
CA SER B 62 -8.51 17.82 4.49
C SER B 62 -7.17 17.04 4.73
N CYS B 63 -7.13 15.84 4.21
CA CYS B 63 -6.05 14.94 4.40
C CYS B 63 -5.44 14.74 3.04
N TRP B 64 -4.12 14.90 2.95
CA TRP B 64 -3.40 14.78 1.68
C TRP B 64 -2.32 13.79 1.83
N LYS B 65 -2.13 12.93 0.84
CA LYS B 65 -0.98 12.04 0.85
C LYS B 65 0.07 12.69 0.02
N LEU B 66 1.20 12.95 0.64
CA LEU B 66 2.29 13.58 -0.06
C LEU B 66 3.34 12.51 -0.29
N ARG B 67 3.91 12.50 -1.48
CA ARG B 67 4.87 11.54 -1.77
C ARG B 67 6.21 12.24 -2.13
N TYR B 68 7.32 11.65 -1.73
CA TYR B 68 8.64 12.20 -2.13
C TYR B 68 9.63 11.11 -2.24
N LYS B 69 10.26 10.88 -3.42
CA LYS B 69 11.33 9.82 -3.55
C LYS B 69 11.09 8.45 -2.82
N GLY B 70 9.90 7.94 -2.94
CA GLY B 70 9.75 6.65 -2.28
C GLY B 70 9.19 6.71 -0.86
N ASN B 71 9.10 7.91 -0.28
CA ASN B 71 8.52 8.08 1.04
C ASN B 71 7.17 8.72 0.81
N HIS B 72 6.34 8.70 1.83
CA HIS B 72 5.06 9.43 1.74
C HIS B 72 4.57 9.73 3.15
N ALA B 73 3.55 10.60 3.27
CA ALA B 73 2.97 10.98 4.54
C ALA B 73 1.56 11.34 4.28
N PHE B 74 0.76 11.23 5.33
CA PHE B 74 -0.60 11.69 5.20
C PHE B 74 -0.72 12.88 6.12
N VAL B 75 -1.02 14.02 5.52
CA VAL B 75 -0.96 15.26 6.25
C VAL B 75 -2.33 15.89 6.36
N THR B 76 -2.59 16.61 7.42
CA THR B 76 -3.85 17.34 7.54
C THR B 76 -3.59 18.80 7.27
N VAL B 77 -4.45 19.42 6.45
CA VAL B 77 -4.31 20.85 6.18
C VAL B 77 -4.89 21.64 7.34
N VAL B 78 -4.04 22.40 8.02
CA VAL B 78 -4.42 23.09 9.26
C VAL B 78 -4.25 24.59 9.12
N ASP B 79 -3.65 25.04 8.02
CA ASP B 79 -3.36 26.44 7.91
C ASP B 79 -3.22 26.79 6.44
N ARG B 80 -3.04 28.08 6.16
CA ARG B 80 -2.93 28.55 4.81
C ARG B 80 -1.62 29.22 4.55
N VAL B 81 -1.18 29.05 3.31
CA VAL B 81 -0.17 29.88 2.68
C VAL B 81 -0.84 30.54 1.46
N GLU B 82 -0.34 31.73 1.12
CA GLU B 82 -0.80 32.50 -0.03
C GLU B 82 -0.34 31.89 -1.34
N GLU B 83 0.87 31.40 -1.39
CA GLU B 83 1.46 31.03 -2.66
C GLU B 83 0.87 29.72 -3.17
N ALA B 84 0.50 29.65 -4.45
CA ALA B 84 -0.04 28.43 -5.02
C ALA B 84 1.08 27.36 -5.03
N ASN B 85 0.67 26.10 -5.09
CA ASN B 85 1.58 24.95 -5.35
C ASN B 85 2.55 24.74 -4.25
N LEU B 86 2.25 25.22 -3.04
CA LEU B 86 3.19 25.09 -1.95
C LEU B 86 2.57 24.43 -0.74
N PHE B 87 3.23 23.39 -0.19
CA PHE B 87 2.91 22.93 1.17
C PHE B 87 3.94 23.42 2.12
N VAL B 88 3.50 23.80 3.32
CA VAL B 88 4.49 24.04 4.38
C VAL B 88 4.12 23.09 5.51
N GLY B 89 5.00 22.16 5.78
CA GLY B 89 4.70 21.06 6.72
C GLY B 89 5.48 21.26 8.04
N GLY B 90 5.04 20.55 9.07
CA GLY B 90 5.70 20.56 10.35
C GLY B 90 7.07 20.00 10.08
N THR B 91 8.02 20.50 10.82
CA THR B 91 9.44 20.22 10.51
C THR B 91 9.77 18.71 10.54
N ASP B 92 9.28 17.99 11.54
CA ASP B 92 9.63 16.60 11.70
C ASP B 92 8.98 15.83 10.55
N LEU B 93 7.76 16.19 10.19
CA LEU B 93 7.08 15.56 9.04
C LEU B 93 7.90 15.71 7.77
N VAL B 94 8.38 16.90 7.52
CA VAL B 94 9.08 17.18 6.30
C VAL B 94 10.44 16.51 6.34
N LYS B 95 11.07 16.47 7.51
CA LYS B 95 12.37 15.74 7.61
C LYS B 95 12.22 14.26 7.24
N ASN B 96 11.24 13.58 7.83
CA ASN B 96 11.04 12.17 7.55
C ASN B 96 10.63 11.96 6.11
N LEU B 97 9.72 12.79 5.65
CA LEU B 97 9.15 12.65 4.29
C LEU B 97 10.26 12.77 3.24
N THR B 98 11.17 13.72 3.47
CA THR B 98 12.21 13.98 2.52
C THR B 98 13.56 13.35 2.87
N THR B 99 13.58 12.36 3.77
CA THR B 99 14.84 11.69 4.06
C THR B 99 15.21 10.77 2.90
N PHE B 100 16.39 11.01 2.38
CA PHE B 100 16.82 10.26 1.21
C PHE B 100 18.33 10.19 1.27
N ASN B 101 18.88 9.02 1.02
CA ASN B 101 20.34 8.88 1.11
C ASN B 101 20.92 9.50 2.35
N GLY B 102 20.26 9.30 3.47
CA GLY B 102 20.82 9.74 4.74
C GLY B 102 20.67 11.21 5.08
N ALA B 103 19.93 11.96 4.33
CA ALA B 103 19.70 13.32 4.80
C ALA B 103 18.25 13.71 4.54
N PRO B 104 17.72 14.67 5.33
CA PRO B 104 16.34 15.16 5.20
C PRO B 104 16.38 16.29 4.21
N GLU B 105 16.30 15.91 2.94
CA GLU B 105 16.60 16.88 1.89
C GLU B 105 15.76 18.14 1.99
N GLY B 106 14.45 17.99 2.14
CA GLY B 106 13.61 19.19 2.23
C GLY B 106 14.00 20.11 3.38
N TYR B 107 14.47 19.50 4.46
CA TYR B 107 14.88 20.29 5.62
C TYR B 107 16.20 20.99 5.32
N ASP B 108 17.16 20.21 4.84
CA ASP B 108 18.49 20.71 4.57
C ASP B 108 18.47 21.77 3.47
N TRP B 109 17.69 21.55 2.42
CA TRP B 109 17.65 22.47 1.30
C TRP B 109 16.69 23.63 1.53
N GLY B 110 15.64 23.35 2.28
CA GLY B 110 14.64 24.35 2.64
C GLY B 110 13.42 24.17 1.80
N THR B 111 13.59 23.71 0.56
CA THR B 111 12.47 23.47 -0.32
C THR B 111 12.80 22.20 -1.10
N ALA B 112 11.77 21.37 -1.26
CA ALA B 112 11.88 20.18 -2.11
C ALA B 112 10.61 20.08 -2.96
N GLN B 113 10.66 19.29 -4.03
CA GLN B 113 9.49 19.15 -4.84
C GLN B 113 8.87 17.79 -4.60
N LEU B 114 7.59 17.75 -4.30
CA LEU B 114 6.94 16.48 -4.11
C LEU B 114 6.87 15.69 -5.41
N PHE B 115 7.00 14.38 -5.26
CA PHE B 115 6.60 13.45 -6.31
C PHE B 115 5.13 13.71 -6.67
N SER B 116 4.23 13.71 -5.69
CA SER B 116 2.81 14.00 -5.93
C SER B 116 2.13 14.38 -4.67
N ALA B 117 0.91 14.83 -4.78
CA ALA B 117 0.14 15.13 -3.58
C ALA B 117 -1.30 15.00 -3.98
N TYR B 118 -2.04 14.22 -3.22
CA TYR B 118 -3.44 14.01 -3.53
C TYR B 118 -4.24 14.05 -2.27
N GLN B 119 -5.41 14.65 -2.39
CA GLN B 119 -6.38 14.55 -1.30
C GLN B 119 -6.96 13.14 -1.14
N VAL B 120 -6.95 12.62 0.07
CA VAL B 120 -7.44 11.26 0.35
C VAL B 120 -8.52 11.34 1.45
N ASP B 121 -9.11 10.20 1.79
CA ASP B 121 -10.15 10.23 2.79
C ASP B 121 -9.52 10.62 4.14
N GLY B 122 -10.30 11.34 4.98
CA GLY B 122 -9.87 11.80 6.28
C GLY B 122 -9.33 10.67 7.15
N SER B 123 -9.82 9.45 6.98
CA SER B 123 -9.35 8.34 7.84
C SER B 123 -7.86 8.11 7.64
N CYS B 124 -7.31 8.55 6.51
CA CYS B 124 -5.88 8.34 6.32
C CYS B 124 -5.11 9.22 7.31
N CYS B 125 -5.77 10.30 7.76
CA CYS B 125 -5.24 11.26 8.74
C CYS B 125 -5.96 11.09 10.10
N GLN B 126 -6.35 9.86 10.38
CA GLN B 126 -6.99 9.49 11.64
C GLN B 126 -8.33 10.17 11.93
N GLN B 127 -8.99 10.73 10.91
CA GLN B 127 -10.30 11.33 11.12
C GLN B 127 -11.38 10.27 11.08
N ASN B 128 -12.44 10.55 11.83
CA ASN B 128 -13.53 9.61 11.92
C ASN B 128 -14.53 9.81 10.79
N THR B 129 -14.26 9.28 9.62
CA THR B 129 -15.09 9.51 8.46
C THR B 129 -16.04 8.36 8.26
N GLY B 130 -15.84 7.29 9.01
CA GLY B 130 -16.58 6.07 8.81
C GLY B 130 -16.07 5.29 7.60
N LYS B 131 -14.98 5.76 7.00
CA LYS B 131 -14.31 5.04 5.92
C LYS B 131 -12.88 4.66 6.33
N GLN B 132 -12.25 3.79 5.55
CA GLN B 132 -10.92 3.35 5.81
C GLN B 132 -9.99 3.98 4.77
N CYS B 133 -8.74 4.22 5.15
CA CYS B 133 -7.78 4.89 4.27
C CYS B 133 -7.65 4.17 2.92
N GLY B 134 -7.93 4.92 1.84
CA GLY B 134 -7.98 4.39 0.46
C GLY B 134 -9.35 4.52 -0.21
N ASP B 135 -10.41 4.67 0.61
CA ASP B 135 -11.77 4.77 0.09
C ASP B 135 -12.05 6.10 -0.64
N PRO B 136 -13.03 6.09 -1.60
CA PRO B 136 -13.48 7.28 -2.33
C PRO B 136 -14.69 7.94 -1.65
N SER C 1 -27.66 -10.26 -11.45
CA SER C 1 -26.75 -9.29 -12.10
C SER C 1 -25.75 -10.02 -12.95
N ASN C 2 -25.06 -9.22 -13.76
CA ASN C 2 -24.07 -9.75 -14.66
C ASN C 2 -22.73 -9.42 -14.08
N TRP C 3 -21.92 -10.43 -13.82
CA TRP C 3 -20.72 -10.22 -12.97
C TRP C 3 -19.51 -10.47 -13.80
N LEU C 4 -18.50 -9.65 -13.56
CA LEU C 4 -17.17 -10.01 -14.02
C LEU C 4 -16.38 -10.58 -12.88
N ILE C 5 -15.34 -11.33 -13.27
CA ILE C 5 -14.43 -11.76 -12.26
C ILE C 5 -13.00 -11.38 -12.65
N LYS C 6 -12.22 -10.98 -11.64
CA LYS C 6 -10.85 -10.60 -11.80
C LYS C 6 -10.08 -11.42 -10.74
N TRP C 7 -8.77 -11.37 -10.78
CA TRP C 7 -8.00 -12.20 -9.88
C TRP C 7 -7.00 -11.38 -9.08
N ASP C 8 -6.66 -11.86 -7.88
CA ASP C 8 -5.71 -11.22 -7.04
C ASP C 8 -5.11 -12.32 -6.11
N ASP C 9 -3.78 -12.38 -6.06
CA ASP C 9 -3.07 -13.32 -5.14
C ASP C 9 -3.47 -13.09 -3.67
N LYS C 10 -3.91 -11.88 -3.34
CA LYS C 10 -4.19 -11.53 -1.92
C LYS C 10 -5.15 -12.55 -1.29
N PHE C 11 -6.13 -13.00 -2.07
CA PHE C 11 -7.19 -13.80 -1.49
C PHE C 11 -6.85 -15.24 -1.34
N GLN C 12 -5.63 -15.58 -1.68
CA GLN C 12 -5.21 -16.91 -1.32
C GLN C 12 -3.91 -16.87 -0.50
N ASN C 13 -3.71 -15.73 0.17
CA ASN C 13 -2.44 -15.53 0.89
C ASN C 13 -2.77 -15.94 2.32
N ASP C 14 -2.29 -17.14 2.63
CA ASP C 14 -2.58 -17.85 3.86
C ASP C 14 -2.21 -17.00 5.10
N THR C 15 -1.13 -16.23 5.00
CA THR C 15 -0.58 -15.49 6.15
C THR C 15 -1.16 -14.10 6.43
N LEU C 16 -2.02 -13.57 5.57
CA LEU C 16 -2.52 -12.25 5.83
C LEU C 16 -3.44 -12.34 7.02
N SER C 17 -3.30 -11.39 7.92
CA SER C 17 -4.20 -11.27 9.02
C SER C 17 -5.66 -10.89 8.59
N ILE C 18 -6.65 -11.48 9.25
CA ILE C 18 -8.06 -11.19 8.85
C ILE C 18 -8.37 -9.72 8.97
N SER C 19 -7.54 -9.03 9.78
CA SER C 19 -7.72 -7.61 10.08
C SER C 19 -7.52 -6.78 8.83
N GLU C 20 -6.80 -7.32 7.84
CA GLU C 20 -6.49 -6.62 6.56
C GLU C 20 -7.63 -6.63 5.53
N PHE C 21 -8.78 -7.24 5.86
CA PHE C 21 -9.86 -7.34 4.89
C PHE C 21 -11.04 -6.61 5.47
N LYS C 22 -11.90 -6.09 4.65
CA LYS C 22 -13.03 -5.37 5.18
C LYS C 22 -14.00 -6.26 5.93
N CYS C 23 -13.97 -7.55 5.68
CA CYS C 23 -14.92 -8.43 6.38
C CYS C 23 -14.28 -9.07 7.62
N SER C 24 -13.29 -8.43 8.25
CA SER C 24 -12.59 -9.07 9.38
C SER C 24 -13.54 -9.52 10.49
N ALA C 25 -14.59 -8.76 10.71
CA ALA C 25 -15.55 -9.13 11.77
C ALA C 25 -16.17 -10.50 11.47
N ALA C 26 -16.72 -10.63 10.27
CA ALA C 26 -17.25 -11.93 9.79
C ALA C 26 -16.16 -13.01 9.71
N LEU C 27 -14.95 -12.69 9.25
CA LEU C 27 -13.91 -13.73 9.18
C LEU C 27 -13.54 -14.32 10.55
N ALA C 28 -13.54 -13.50 11.60
CA ALA C 28 -13.23 -13.98 12.98
C ALA C 28 -14.23 -15.05 13.46
N LYS C 29 -15.39 -15.09 12.81
CA LYS C 29 -16.42 -16.05 13.17
C LYS C 29 -16.53 -17.14 12.10
N LEU C 30 -15.51 -17.28 11.26
CA LEU C 30 -15.57 -18.29 10.22
C LEU C 30 -14.40 -19.26 10.24
N GLY C 31 -13.98 -19.66 11.46
CA GLY C 31 -12.91 -20.66 11.61
C GLY C 31 -13.56 -21.95 12.07
N PRO C 32 -12.83 -23.06 11.97
CA PRO C 32 -13.38 -24.36 12.39
C PRO C 32 -13.55 -24.48 13.89
N ASP C 33 -12.93 -23.58 14.66
CA ASP C 33 -12.86 -23.76 16.12
C ASP C 33 -13.13 -22.42 16.76
N PRO C 34 -14.41 -22.10 17.05
CA PRO C 34 -14.78 -20.88 17.83
C PRO C 34 -13.98 -20.52 19.11
N LYS C 35 -13.29 -21.48 19.74
CA LYS C 35 -12.34 -21.20 20.86
C LYS C 35 -10.92 -20.72 20.44
N HIS C 36 -10.61 -20.80 19.14
CA HIS C 36 -9.36 -20.31 18.56
C HIS C 36 -9.69 -19.75 17.18
N PRO C 37 -10.39 -18.59 17.16
CA PRO C 37 -10.85 -18.00 15.90
C PRO C 37 -9.70 -17.70 14.92
N PRO C 38 -10.03 -17.57 13.62
CA PRO C 38 -8.95 -17.41 12.67
C PRO C 38 -8.28 -16.09 12.93
N THR C 39 -6.97 -16.10 12.81
CA THR C 39 -6.33 -14.82 12.88
C THR C 39 -5.73 -14.42 11.55
N LYS C 40 -5.54 -15.42 10.69
CA LYS C 40 -5.04 -15.22 9.33
C LYS C 40 -6.01 -15.86 8.32
N LEU C 41 -5.94 -15.36 7.11
CA LEU C 41 -6.86 -15.79 6.08
C LEU C 41 -6.86 -17.30 5.90
N GLY C 42 -5.68 -17.91 5.95
CA GLY C 42 -5.54 -19.33 5.72
C GLY C 42 -6.32 -20.17 6.72
N GLU C 43 -6.79 -19.55 7.79
CA GLU C 43 -7.42 -20.34 8.83
C GLU C 43 -8.92 -20.22 8.66
N VAL C 44 -9.34 -19.43 7.67
CA VAL C 44 -10.77 -19.15 7.49
C VAL C 44 -11.37 -20.33 6.68
N LEU C 45 -12.54 -20.78 7.10
CA LEU C 45 -13.23 -21.89 6.44
C LEU C 45 -13.42 -21.50 4.96
N ASN C 46 -13.06 -22.45 4.09
CA ASN C 46 -13.21 -22.33 2.62
C ASN C 46 -12.02 -21.68 1.94
N PHE C 47 -10.97 -21.35 2.69
CA PHE C 47 -9.72 -20.84 2.11
C PHE C 47 -9.21 -21.88 1.15
N PRO C 48 -8.68 -21.51 -0.03
CA PRO C 48 -8.55 -20.13 -0.58
C PRO C 48 -9.64 -19.76 -1.61
N HIS C 49 -10.87 -20.25 -1.41
CA HIS C 49 -11.96 -20.02 -2.36
C HIS C 49 -12.62 -18.72 -1.98
N PHE C 50 -11.82 -17.66 -2.07
CA PHE C 50 -12.18 -16.40 -1.52
C PHE C 50 -12.26 -15.28 -2.56
N VAL C 51 -13.23 -14.41 -2.38
CA VAL C 51 -13.36 -13.27 -3.26
C VAL C 51 -13.57 -12.01 -2.49
N ALA C 52 -13.26 -10.91 -3.15
CA ALA C 52 -13.79 -9.64 -2.75
C ALA C 52 -15.00 -9.31 -3.61
N ALA C 53 -15.96 -8.61 -3.04
CA ALA C 53 -17.20 -8.32 -3.76
C ALA C 53 -17.79 -7.01 -3.20
N PRO C 54 -18.70 -6.36 -3.96
CA PRO C 54 -19.21 -5.09 -3.55
C PRO C 54 -20.11 -5.22 -2.36
N GLU C 55 -19.94 -4.27 -1.46
CA GLU C 55 -20.76 -4.20 -0.29
C GLU C 55 -22.25 -4.09 -0.66
N ALA C 56 -22.56 -3.36 -1.72
CA ALA C 56 -23.98 -3.12 -2.06
C ALA C 56 -24.64 -4.42 -2.51
N GLN C 57 -23.84 -5.42 -2.88
CA GLN C 57 -24.41 -6.62 -3.49
C GLN C 57 -24.21 -7.91 -2.77
N THR C 58 -23.30 -7.91 -1.78
CA THR C 58 -22.93 -9.09 -1.09
C THR C 58 -22.73 -8.79 0.41
N GLU C 59 -23.04 -9.78 1.25
CA GLU C 59 -22.76 -9.69 2.69
C GLU C 59 -21.39 -10.27 3.03
N CYS C 60 -20.71 -9.65 3.99
CA CYS C 60 -19.42 -10.24 4.46
C CYS C 60 -19.59 -11.69 4.87
N GLY C 61 -18.75 -12.58 4.36
CA GLY C 61 -18.82 -13.96 4.79
C GLY C 61 -19.87 -14.78 4.05
N SER C 62 -20.65 -14.13 3.20
CA SER C 62 -21.57 -14.87 2.37
C SER C 62 -20.87 -15.84 1.40
N CYS C 63 -21.65 -16.82 0.98
CA CYS C 63 -21.20 -17.87 0.13
C CYS C 63 -21.88 -17.67 -1.21
N TRP C 64 -21.09 -17.62 -2.26
CA TRP C 64 -21.68 -17.39 -3.59
C TRP C 64 -21.28 -18.48 -4.53
N LYS C 65 -22.24 -18.94 -5.31
CA LYS C 65 -21.92 -19.97 -6.31
C LYS C 65 -21.65 -19.29 -7.63
N LEU C 66 -20.46 -19.49 -8.16
CA LEU C 66 -20.12 -18.81 -9.38
C LEU C 66 -20.02 -19.89 -10.41
N ARG C 67 -20.42 -19.60 -11.63
CA ARG C 67 -20.34 -20.53 -12.70
C ARG C 67 -19.69 -19.86 -13.86
N TYR C 68 -18.85 -20.61 -14.55
CA TYR C 68 -18.18 -20.13 -15.69
C TYR C 68 -17.98 -21.29 -16.64
N LYS C 69 -18.55 -21.18 -17.84
CA LYS C 69 -18.51 -22.24 -18.83
C LYS C 69 -18.78 -23.59 -18.15
N GLY C 70 -17.89 -24.57 -18.23
CA GLY C 70 -18.41 -25.80 -17.58
C GLY C 70 -18.18 -25.89 -16.05
N ASN C 71 -17.61 -24.83 -15.46
CA ASN C 71 -17.03 -24.92 -14.10
C ASN C 71 -17.86 -24.14 -13.11
N HIS C 72 -17.78 -24.50 -11.83
CA HIS C 72 -18.38 -23.65 -10.82
C HIS C 72 -17.51 -23.62 -9.57
N ALA C 73 -17.72 -22.67 -8.66
CA ALA C 73 -16.99 -22.66 -7.37
C ALA C 73 -17.91 -22.03 -6.38
N PHE C 74 -17.78 -22.44 -5.12
CA PHE C 74 -18.46 -21.79 -4.06
C PHE C 74 -17.41 -20.97 -3.34
N VAL C 75 -17.67 -19.69 -3.32
CA VAL C 75 -16.70 -18.74 -2.79
C VAL C 75 -17.26 -17.99 -1.63
N THR C 76 -16.34 -17.64 -0.72
CA THR C 76 -16.77 -16.85 0.44
C THR C 76 -16.33 -15.39 0.21
N VAL C 77 -17.23 -14.44 0.43
CA VAL C 77 -16.90 -13.03 0.31
C VAL C 77 -16.10 -12.66 1.56
N VAL C 78 -14.80 -12.33 1.35
CA VAL C 78 -13.91 -11.99 2.47
C VAL C 78 -13.47 -10.52 2.47
N ASP C 79 -13.80 -9.78 1.41
CA ASP C 79 -13.30 -8.41 1.28
C ASP C 79 -14.22 -7.65 0.33
N ARG C 80 -14.00 -6.34 0.21
CA ARG C 80 -14.83 -5.52 -0.62
C ARG C 80 -14.04 -4.99 -1.81
N VAL C 81 -14.80 -4.75 -2.87
CA VAL C 81 -14.38 -3.90 -3.95
C VAL C 81 -15.41 -2.84 -4.13
N GLU C 82 -15.01 -1.73 -4.75
CA GLU C 82 -15.93 -0.62 -4.90
C GLU C 82 -16.84 -0.85 -6.10
N GLU C 83 -16.28 -1.40 -7.19
CA GLU C 83 -17.07 -1.53 -8.42
C GLU C 83 -18.25 -2.50 -8.33
N ALA C 84 -19.45 -2.07 -8.73
CA ALA C 84 -20.59 -2.98 -8.73
C ALA C 84 -20.28 -4.19 -9.68
N ASN C 85 -20.91 -5.35 -9.44
CA ASN C 85 -20.85 -6.44 -10.41
C ASN C 85 -19.44 -6.98 -10.68
N LEU C 86 -18.53 -6.82 -9.70
CA LEU C 86 -17.18 -7.33 -9.88
C LEU C 86 -16.89 -8.23 -8.71
N PHE C 87 -16.40 -9.42 -8.98
CA PHE C 87 -15.73 -10.24 -7.94
C PHE C 87 -14.25 -10.22 -8.26
N VAL C 88 -13.41 -10.18 -7.23
CA VAL C 88 -11.96 -10.39 -7.44
C VAL C 88 -11.65 -11.62 -6.60
N GLY C 89 -11.12 -12.65 -7.24
CA GLY C 89 -11.01 -13.93 -6.57
C GLY C 89 -9.56 -14.28 -6.39
N GLY C 90 -9.31 -15.17 -5.41
CA GLY C 90 -8.00 -15.76 -5.30
C GLY C 90 -7.60 -16.28 -6.65
N THR C 91 -6.32 -16.15 -6.96
CA THR C 91 -5.84 -16.43 -8.29
C THR C 91 -6.11 -17.87 -8.70
N ASP C 92 -5.89 -18.82 -7.83
CA ASP C 92 -6.07 -20.22 -8.27
C ASP C 92 -7.53 -20.51 -8.47
N LEU C 93 -8.38 -19.96 -7.61
CA LEU C 93 -9.83 -20.14 -7.74
C LEU C 93 -10.26 -19.62 -9.13
N VAL C 94 -9.74 -18.45 -9.49
CA VAL C 94 -10.11 -17.84 -10.77
C VAL C 94 -9.53 -18.66 -11.91
N LYS C 95 -8.26 -19.07 -11.78
CA LYS C 95 -7.69 -19.90 -12.81
C LYS C 95 -8.55 -21.14 -13.04
N ASN C 96 -8.84 -21.87 -11.98
CA ASN C 96 -9.64 -23.10 -12.12
C ASN C 96 -11.06 -22.88 -12.65
N LEU C 97 -11.73 -21.88 -12.10
CA LEU C 97 -13.11 -21.62 -12.47
C LEU C 97 -13.15 -21.23 -13.92
N THR C 98 -12.12 -20.52 -14.40
CA THR C 98 -12.22 -19.98 -15.75
C THR C 98 -11.45 -20.76 -16.74
N THR C 99 -11.07 -21.99 -16.39
CA THR C 99 -10.42 -22.87 -17.33
C THR C 99 -11.34 -23.41 -18.40
N PHE C 100 -10.92 -23.22 -19.65
CA PHE C 100 -11.66 -23.72 -20.79
C PHE C 100 -10.67 -24.06 -21.88
N ASN C 101 -10.79 -25.27 -22.42
CA ASN C 101 -10.00 -25.68 -23.57
C ASN C 101 -8.51 -25.53 -23.25
N GLY C 102 -8.14 -25.90 -22.04
CA GLY C 102 -6.76 -25.87 -21.63
C GLY C 102 -6.10 -24.54 -21.30
N ALA C 103 -6.89 -23.50 -20.98
CA ALA C 103 -6.32 -22.20 -20.60
C ALA C 103 -7.20 -21.58 -19.51
N PRO C 104 -6.60 -20.96 -18.48
CA PRO C 104 -7.42 -20.25 -17.47
C PRO C 104 -7.78 -18.85 -17.99
N GLU C 105 -8.92 -18.75 -18.66
CA GLU C 105 -9.27 -17.54 -19.43
C GLU C 105 -9.32 -16.26 -18.61
N GLY C 106 -9.87 -16.35 -17.41
CA GLY C 106 -10.03 -15.13 -16.59
C GLY C 106 -8.68 -14.65 -16.14
N TYR C 107 -7.79 -15.63 -15.99
CA TYR C 107 -6.47 -15.33 -15.59
C TYR C 107 -5.70 -14.76 -16.76
N ASP C 108 -5.74 -15.46 -17.89
CA ASP C 108 -5.02 -15.01 -19.04
C ASP C 108 -5.45 -13.67 -19.56
N TRP C 109 -6.77 -13.49 -19.64
CA TRP C 109 -7.33 -12.22 -20.16
C TRP C 109 -7.40 -11.14 -19.08
N GLY C 110 -7.38 -11.51 -17.81
CA GLY C 110 -7.37 -10.51 -16.71
C GLY C 110 -8.75 -10.34 -16.13
N THR C 111 -9.76 -10.68 -16.95
CA THR C 111 -11.18 -10.49 -16.54
C THR C 111 -11.96 -11.57 -17.30
N ALA C 112 -13.07 -12.00 -16.73
CA ALA C 112 -13.94 -12.87 -17.47
C ALA C 112 -15.31 -12.48 -17.00
N GLN C 113 -16.29 -12.90 -17.79
CA GLN C 113 -17.66 -12.60 -17.40
C GLN C 113 -18.31 -13.91 -16.97
N LEU C 114 -18.81 -13.95 -15.73
CA LEU C 114 -19.37 -15.17 -15.26
C LEU C 114 -20.65 -15.57 -15.99
N PHE C 115 -20.84 -16.88 -16.10
CA PHE C 115 -22.15 -17.36 -16.57
C PHE C 115 -23.20 -16.95 -15.57
N SER C 116 -23.01 -17.27 -14.29
CA SER C 116 -23.98 -16.80 -13.29
C SER C 116 -23.27 -16.71 -11.95
N ALA C 117 -23.88 -16.00 -11.00
CA ALA C 117 -23.39 -15.92 -9.64
C ALA C 117 -24.61 -15.74 -8.74
N TYR C 118 -24.70 -16.56 -7.72
CA TYR C 118 -25.76 -16.30 -6.78
C TYR C 118 -25.44 -16.79 -5.40
N GLN C 119 -26.04 -16.14 -4.42
CA GLN C 119 -25.76 -16.50 -3.05
C GLN C 119 -26.40 -17.87 -2.73
N VAL C 120 -25.66 -18.72 -2.05
CA VAL C 120 -26.21 -19.99 -1.59
C VAL C 120 -25.93 -20.15 -0.07
N ASP C 121 -26.37 -21.26 0.48
CA ASP C 121 -26.24 -21.45 1.91
C ASP C 121 -24.76 -21.54 2.28
N GLY C 122 -24.40 -20.99 3.44
CA GLY C 122 -22.99 -20.97 3.85
C GLY C 122 -22.38 -22.33 3.90
N SER C 123 -23.22 -23.36 4.08
CA SER C 123 -22.68 -24.73 4.14
C SER C 123 -21.94 -25.06 2.87
N CYS C 124 -22.31 -24.43 1.75
CA CYS C 124 -21.58 -24.68 0.50
C CYS C 124 -20.11 -24.20 0.55
N CYS C 125 -19.84 -23.25 1.45
CA CYS C 125 -18.50 -22.73 1.68
C CYS C 125 -17.97 -23.22 3.04
N GLN C 126 -18.34 -24.45 3.40
CA GLN C 126 -17.81 -25.14 4.60
C GLN C 126 -18.20 -24.43 5.91
N GLN C 127 -19.23 -23.62 5.88
CA GLN C 127 -19.69 -22.98 7.08
C GLN C 127 -20.72 -23.78 7.84
N ASN C 128 -20.69 -23.61 9.17
CA ASN C 128 -21.55 -24.34 10.11
C ASN C 128 -22.91 -23.71 10.20
N THR C 129 -23.70 -23.79 9.15
CA THR C 129 -25.01 -23.13 9.17
C THR C 129 -26.10 -24.03 9.73
N GLY C 130 -25.77 -25.30 9.97
CA GLY C 130 -26.78 -26.29 10.36
C GLY C 130 -27.67 -26.75 9.20
N LYS C 131 -27.34 -26.31 7.98
CA LYS C 131 -28.06 -26.76 6.78
C LYS C 131 -27.13 -27.55 5.86
N GLN C 132 -27.69 -28.21 4.86
CA GLN C 132 -26.85 -29.01 3.93
C GLN C 132 -26.73 -28.22 2.65
N CYS C 133 -25.58 -28.26 2.03
CA CYS C 133 -25.36 -27.52 0.77
C CYS C 133 -26.27 -28.07 -0.35
N GLY C 134 -26.17 -29.40 -0.54
CA GLY C 134 -27.05 -30.07 -1.52
C GLY C 134 -26.60 -29.68 -2.91
N ASP C 135 -27.56 -29.38 -3.80
CA ASP C 135 -27.24 -29.02 -5.19
C ASP C 135 -27.85 -27.70 -5.59
N PRO C 136 -27.31 -26.60 -5.05
CA PRO C 136 -27.98 -25.34 -5.29
C PRO C 136 -27.54 -24.77 -6.62
N ASN D 2 10.26 -8.97 32.37
CA ASN D 2 9.48 -7.81 32.88
C ASN D 2 8.96 -6.94 31.71
N TRP D 3 8.64 -7.53 30.57
CA TRP D 3 8.12 -6.75 29.44
C TRP D 3 6.65 -6.39 29.59
N LEU D 4 6.31 -5.22 29.05
CA LEU D 4 4.96 -4.70 29.04
C LEU D 4 4.56 -4.51 27.60
N ILE D 5 3.28 -4.49 27.31
CA ILE D 5 2.87 -4.11 25.98
C ILE D 5 1.72 -3.09 26.07
N LYS D 6 1.78 -2.08 25.24
CA LYS D 6 0.70 -1.10 25.15
C LYS D 6 0.28 -1.06 23.67
N TRP D 7 -0.76 -0.28 23.32
CA TRP D 7 -1.23 -0.28 21.91
C TRP D 7 -1.22 1.08 21.28
N ASP D 8 -1.00 1.07 19.97
CA ASP D 8 -0.98 2.25 19.19
C ASP D 8 -1.18 1.73 17.79
N ASP D 9 -2.29 2.11 17.18
CA ASP D 9 -2.59 1.59 15.84
C ASP D 9 -1.63 2.05 14.69
N LYS D 10 -0.78 3.00 14.95
CA LYS D 10 0.33 3.28 14.00
C LYS D 10 1.00 2.00 13.56
N PHE D 11 1.22 1.06 14.48
CA PHE D 11 2.02 -0.15 14.15
C PHE D 11 1.23 -1.21 13.44
N GLN D 12 -0.06 -0.94 13.16
CA GLN D 12 -0.77 -1.81 12.26
C GLN D 12 -1.42 -1.00 11.10
N ASN D 13 -0.89 0.16 10.82
CA ASN D 13 -1.42 0.97 9.74
C ASN D 13 -0.74 0.56 8.47
N ASP D 14 -1.45 -0.22 7.67
CA ASP D 14 -1.06 -0.69 6.32
CA ASP D 14 -0.92 -0.72 6.41
C ASP D 14 -0.41 0.38 5.45
N THR D 15 -1.01 1.58 5.50
CA THR D 15 -0.76 2.63 4.51
C THR D 15 0.45 3.47 4.77
N LEU D 16 1.01 3.37 5.97
CA LEU D 16 2.05 4.32 6.33
C LEU D 16 3.40 3.97 5.69
N SER D 17 4.19 4.99 5.44
CA SER D 17 5.49 4.79 4.83
C SER D 17 6.48 4.29 5.91
N ILE D 18 7.36 3.40 5.53
CA ILE D 18 8.36 2.94 6.44
C ILE D 18 9.27 4.08 6.90
N SER D 19 9.30 5.18 6.16
CA SER D 19 10.09 6.37 6.59
C SER D 19 9.60 6.96 7.91
N GLU D 20 8.36 6.67 8.29
CA GLU D 20 7.87 7.18 9.57
C GLU D 20 8.33 6.40 10.75
N PHE D 21 9.13 5.37 10.54
CA PHE D 21 9.48 4.48 11.65
C PHE D 21 10.95 4.54 11.85
N LYS D 22 11.39 4.43 13.10
CA LYS D 22 12.82 4.57 13.37
C LYS D 22 13.63 3.40 12.78
N CYS D 23 13.01 2.26 12.52
CA CYS D 23 13.75 1.11 11.93
C CYS D 23 13.68 1.07 10.39
N SER D 24 13.51 2.22 9.81
CA SER D 24 13.29 2.34 8.35
C SER D 24 14.43 1.67 7.57
N ALA D 25 15.69 1.77 8.03
CA ALA D 25 16.80 1.10 7.36
C ALA D 25 16.60 -0.42 7.28
N ALA D 26 16.28 -1.04 8.42
CA ALA D 26 16.03 -2.44 8.42
C ALA D 26 14.79 -2.74 7.61
N LEU D 27 13.77 -1.89 7.71
CA LEU D 27 12.53 -2.22 7.04
C LEU D 27 12.70 -2.22 5.52
N ALA D 28 13.62 -1.38 5.04
CA ALA D 28 13.87 -1.22 3.60
C ALA D 28 14.22 -2.59 3.02
N LYS D 29 14.76 -3.47 3.84
CA LYS D 29 15.12 -4.81 3.41
C LYS D 29 14.07 -5.86 3.64
N LEU D 30 12.90 -5.47 4.13
CA LEU D 30 11.94 -6.48 4.49
C LEU D 30 10.67 -6.38 3.71
N GLY D 31 10.74 -5.92 2.46
CA GLY D 31 9.53 -5.97 1.64
C GLY D 31 9.49 -7.32 0.92
N PRO D 32 8.56 -7.44 -0.04
CA PRO D 32 8.34 -8.67 -0.74
C PRO D 32 9.67 -9.12 -1.39
N ASP D 33 10.43 -8.17 -1.89
CA ASP D 33 11.77 -8.47 -2.42
C ASP D 33 12.82 -7.59 -1.71
N PRO D 34 13.95 -8.20 -1.28
CA PRO D 34 14.93 -7.45 -0.46
C PRO D 34 15.66 -6.31 -1.15
N LYS D 35 15.64 -6.31 -2.49
CA LYS D 35 16.26 -5.22 -3.21
C LYS D 35 15.37 -4.06 -3.44
N HIS D 36 14.11 -4.17 -3.00
CA HIS D 36 13.18 -3.05 -3.26
C HIS D 36 12.43 -2.72 -1.99
N PRO D 37 12.66 -1.53 -1.46
CA PRO D 37 12.06 -1.22 -0.17
C PRO D 37 10.50 -1.26 -0.29
N PRO D 38 9.84 -1.71 0.75
CA PRO D 38 8.37 -1.82 0.77
C PRO D 38 7.83 -0.42 0.61
N THR D 39 6.75 -0.31 -0.15
CA THR D 39 6.17 0.98 -0.44
C THR D 39 5.21 1.42 0.63
N LYS D 40 4.93 0.53 1.58
CA LYS D 40 4.11 0.92 2.75
C LYS D 40 4.33 -0.18 3.80
N LEU D 41 3.89 0.13 5.03
CA LEU D 41 4.12 -0.73 6.13
C LEU D 41 3.48 -2.05 5.86
N GLY D 42 2.30 -2.05 5.21
CA GLY D 42 1.60 -3.31 4.93
C GLY D 42 2.37 -4.32 4.07
N GLU D 43 3.45 -3.90 3.38
CA GLU D 43 4.26 -4.74 2.50
C GLU D 43 5.46 -5.24 3.23
N VAL D 44 5.61 -4.85 4.49
CA VAL D 44 6.77 -5.35 5.28
C VAL D 44 6.41 -6.76 5.71
N LEU D 45 7.38 -7.68 5.60
CA LEU D 45 7.14 -9.04 5.99
C LEU D 45 6.64 -9.08 7.43
N ASN D 46 5.67 -9.95 7.66
CA ASN D 46 5.03 -10.10 8.98
C ASN D 46 4.07 -9.03 9.39
N PHE D 47 3.76 -8.09 8.51
CA PHE D 47 2.69 -7.12 8.84
C PHE D 47 1.40 -7.90 9.13
N PRO D 48 0.57 -7.49 10.14
CA PRO D 48 0.64 -6.33 11.03
C PRO D 48 1.17 -6.69 12.38
N HIS D 49 2.05 -7.70 12.47
CA HIS D 49 2.52 -8.17 13.77
C HIS D 49 3.73 -7.38 14.17
N PHE D 50 3.58 -6.10 14.39
CA PHE D 50 4.73 -5.22 14.49
C PHE D 50 4.69 -4.49 15.81
N VAL D 51 5.89 -4.17 16.32
CA VAL D 51 5.95 -3.47 17.57
C VAL D 51 7.06 -2.44 17.52
N ALA D 52 6.85 -1.40 18.28
CA ALA D 52 7.95 -0.52 18.60
C ALA D 52 8.63 -1.13 19.88
N ALA D 53 9.94 -0.95 20.02
CA ALA D 53 10.61 -1.59 21.15
C ALA D 53 11.89 -0.81 21.38
N PRO D 54 12.42 -0.87 22.61
CA PRO D 54 13.56 -0.01 22.92
C PRO D 54 14.85 -0.46 22.28
N GLU D 55 15.63 0.51 21.83
CA GLU D 55 16.88 0.22 21.15
C GLU D 55 17.88 -0.55 22.05
N ALA D 56 17.89 -0.29 23.35
CA ALA D 56 18.91 -0.90 24.19
C ALA D 56 18.63 -2.38 24.37
N GLN D 57 17.41 -2.82 24.04
CA GLN D 57 17.05 -4.22 24.23
C GLN D 57 16.76 -4.98 22.99
N THR D 58 16.51 -4.28 21.90
CA THR D 58 16.09 -4.97 20.67
C THR D 58 16.75 -4.39 19.43
N GLU D 59 17.02 -5.24 18.47
CA GLU D 59 17.55 -4.82 17.19
C GLU D 59 16.38 -4.47 16.22
N CYS D 60 16.57 -3.45 15.40
CA CYS D 60 15.59 -3.14 14.34
C CYS D 60 15.36 -4.34 13.46
N GLY D 61 14.10 -4.66 13.22
CA GLY D 61 13.79 -5.80 12.34
C GLY D 61 13.91 -7.16 13.00
N SER D 62 14.22 -7.21 14.29
CA SER D 62 14.36 -8.49 14.99
C SER D 62 12.94 -9.05 15.21
N CYS D 63 12.87 -10.36 15.46
CA CYS D 63 11.63 -11.05 15.64
C CYS D 63 11.62 -11.51 17.07
N TRP D 64 10.52 -11.22 17.75
CA TRP D 64 10.36 -11.54 19.16
C TRP D 64 9.14 -12.34 19.33
N LYS D 65 9.21 -13.39 20.16
CA LYS D 65 8.06 -14.13 20.44
C LYS D 65 7.54 -13.60 21.78
N LEU D 66 6.30 -13.16 21.78
CA LEU D 66 5.65 -12.63 22.99
C LEU D 66 4.61 -13.62 23.46
N ARG D 67 4.40 -13.70 24.79
CA ARG D 67 3.43 -14.59 25.35
C ARG D 67 2.68 -13.83 26.42
N TYR D 68 1.37 -14.02 26.44
CA TYR D 68 0.57 -13.53 27.50
C TYR D 68 -0.50 -14.58 27.71
N LYS D 69 -0.64 -15.02 28.99
CA LYS D 69 -1.49 -16.12 29.37
C LYS D 69 -1.42 -17.21 28.32
N GLY D 70 -2.54 -17.45 27.62
CA GLY D 70 -2.58 -18.60 26.68
C GLY D 70 -2.08 -18.27 25.28
N ASN D 71 -1.63 -17.03 25.03
CA ASN D 71 -1.51 -16.64 23.61
C ASN D 71 -0.10 -16.34 23.31
N HIS D 72 0.22 -16.26 22.01
CA HIS D 72 1.58 -15.90 21.66
C HIS D 72 1.52 -15.11 20.35
N ALA D 73 2.60 -14.41 20.05
CA ALA D 73 2.69 -13.61 18.85
C ALA D 73 4.13 -13.52 18.52
N PHE D 74 4.43 -13.55 17.23
CA PHE D 74 5.76 -13.33 16.75
C PHE D 74 5.74 -11.97 16.11
N VAL D 75 6.45 -11.03 16.70
CA VAL D 75 6.39 -9.67 16.26
C VAL D 75 7.71 -9.21 15.72
N THR D 76 7.64 -8.30 14.76
CA THR D 76 8.85 -7.73 14.23
C THR D 76 9.01 -6.36 14.83
N VAL D 77 10.20 -6.06 15.27
CA VAL D 77 10.50 -4.74 15.77
C VAL D 77 10.64 -3.79 14.57
N VAL D 78 9.80 -2.74 14.56
CA VAL D 78 9.76 -1.82 13.41
C VAL D 78 10.02 -0.36 13.83
N ASP D 79 10.09 -0.11 15.13
CA ASP D 79 10.22 1.24 15.58
C ASP D 79 10.72 1.21 17.03
N ARG D 80 10.93 2.39 17.58
CA ARG D 80 11.56 2.54 18.87
C ARG D 80 10.62 3.19 19.84
N VAL D 81 10.70 2.78 21.09
CA VAL D 81 10.24 3.56 22.22
C VAL D 81 11.43 3.81 23.15
N GLU D 82 11.32 4.83 23.97
CA GLU D 82 12.40 5.20 24.87
C GLU D 82 12.39 4.31 26.09
N GLU D 83 11.21 3.96 26.55
CA GLU D 83 11.18 3.16 27.77
C GLU D 83 11.67 1.69 27.72
N ALA D 84 12.48 1.31 28.70
CA ALA D 84 12.96 -0.08 28.83
C ALA D 84 11.78 -0.99 28.98
N ASN D 85 11.93 -2.21 28.48
CA ASN D 85 10.90 -3.22 28.77
C ASN D 85 9.52 -2.92 28.24
N LEU D 86 9.46 -2.18 27.15
CA LEU D 86 8.15 -1.85 26.64
C LEU D 86 8.08 -2.24 25.16
N PHE D 87 7.01 -2.92 24.76
CA PHE D 87 6.65 -3.05 23.35
C PHE D 87 5.38 -2.23 23.14
N VAL D 88 5.25 -1.58 21.99
CA VAL D 88 3.94 -1.01 21.67
C VAL D 88 3.56 -1.63 20.35
N GLY D 89 2.37 -2.20 20.30
CA GLY D 89 1.93 -2.74 19.00
C GLY D 89 0.50 -2.30 18.73
N GLY D 90 -0.02 -2.72 17.59
CA GLY D 90 -1.36 -2.30 17.18
C GLY D 90 -2.40 -2.92 18.06
N THR D 91 -3.62 -2.37 17.99
CA THR D 91 -4.65 -2.85 18.82
C THR D 91 -4.98 -4.32 18.51
N ASP D 92 -4.87 -4.75 17.27
CA ASP D 92 -5.30 -6.13 17.00
C ASP D 92 -4.26 -7.04 17.61
N LEU D 93 -2.98 -6.68 17.47
CA LEU D 93 -1.90 -7.49 18.11
C LEU D 93 -2.20 -7.62 19.61
N VAL D 94 -2.38 -6.50 20.26
CA VAL D 94 -2.66 -6.49 21.69
C VAL D 94 -3.95 -7.21 22.09
N LYS D 95 -5.02 -6.99 21.34
CA LYS D 95 -6.28 -7.64 21.67
C LYS D 95 -6.10 -9.16 21.59
N ASN D 96 -5.48 -9.63 20.52
CA ASN D 96 -5.35 -11.07 20.33
C ASN D 96 -4.41 -11.65 21.29
N LEU D 97 -3.30 -10.96 21.53
CA LEU D 97 -2.30 -11.52 22.48
C LEU D 97 -2.80 -11.58 23.92
N THR D 98 -3.76 -10.72 24.25
CA THR D 98 -4.26 -10.67 25.64
C THR D 98 -5.64 -11.25 25.81
N THR D 99 -6.02 -12.08 24.85
CA THR D 99 -7.33 -12.70 24.91
C THR D 99 -7.34 -13.84 25.95
N PHE D 100 -8.38 -13.86 26.76
CA PHE D 100 -8.64 -14.98 27.65
C PHE D 100 -10.14 -15.17 27.74
N ASN D 101 -10.62 -16.42 27.66
CA ASN D 101 -12.08 -16.67 27.48
C ASN D 101 -12.75 -15.79 26.43
N GLY D 102 -12.13 -15.68 25.27
CA GLY D 102 -12.76 -14.97 24.16
C GLY D 102 -12.73 -13.45 24.20
N ALA D 103 -12.14 -12.83 25.24
CA ALA D 103 -12.11 -11.37 25.36
C ALA D 103 -10.70 -10.86 25.67
N PRO D 104 -10.26 -9.82 24.95
CA PRO D 104 -8.99 -9.24 25.38
C PRO D 104 -8.98 -8.73 26.84
N GLU D 105 -7.77 -8.75 27.42
CA GLU D 105 -7.56 -8.20 28.75
C GLU D 105 -6.65 -6.99 28.79
N GLY D 106 -5.89 -6.77 27.70
CA GLY D 106 -4.84 -5.72 27.64
C GLY D 106 -5.29 -4.46 26.96
N TYR D 107 -6.45 -4.51 26.32
CA TYR D 107 -6.87 -3.38 25.48
C TYR D 107 -7.50 -2.26 26.33
N ASP D 108 -8.40 -2.66 27.23
CA ASP D 108 -9.10 -1.66 28.04
C ASP D 108 -8.19 -0.92 29.01
N TRP D 109 -7.58 -1.66 29.92
CA TRP D 109 -6.61 -1.03 30.83
C TRP D 109 -5.45 -0.44 30.04
N GLY D 110 -5.10 -1.10 28.95
CA GLY D 110 -4.23 -0.44 27.97
C GLY D 110 -2.75 -0.82 28.08
N THR D 111 -2.36 -1.40 29.20
CA THR D 111 -1.00 -1.94 29.38
C THR D 111 -1.18 -3.39 29.85
N ALA D 112 -0.41 -4.34 29.34
CA ALA D 112 -0.45 -5.69 29.88
C ALA D 112 0.98 -6.12 30.13
N GLN D 113 1.17 -6.88 31.19
CA GLN D 113 2.50 -7.39 31.48
C GLN D 113 2.63 -8.73 30.76
N LEU D 114 3.75 -8.98 30.08
CA LEU D 114 3.84 -10.16 29.26
C LEU D 114 4.26 -11.31 30.14
N PHE D 115 3.83 -12.52 29.79
CA PHE D 115 4.34 -13.72 30.43
C PHE D 115 5.83 -13.85 30.11
N SER D 116 6.21 -13.58 28.85
CA SER D 116 7.63 -13.69 28.47
C SER D 116 7.76 -13.02 27.13
N ALA D 117 8.99 -12.64 26.80
CA ALA D 117 9.29 -12.16 25.48
C ALA D 117 10.74 -12.58 25.23
N TYR D 118 11.01 -13.14 24.06
CA TYR D 118 12.36 -13.60 23.68
C TYR D 118 12.56 -13.35 22.22
N GLN D 119 13.78 -12.95 21.90
CA GLN D 119 14.15 -12.93 20.46
C GLN D 119 14.19 -14.35 19.90
N VAL D 120 13.59 -14.46 18.71
CA VAL D 120 13.61 -15.69 17.96
C VAL D 120 14.15 -15.51 16.52
N ASP D 121 14.23 -16.61 15.77
CA ASP D 121 14.80 -16.54 14.42
C ASP D 121 13.83 -15.73 13.57
N GLY D 122 14.40 -14.95 12.64
CA GLY D 122 13.66 -14.07 11.78
C GLY D 122 12.57 -14.82 11.07
N SER D 123 12.79 -16.11 10.84
CA SER D 123 11.82 -16.90 10.09
C SER D 123 10.54 -17.03 10.80
N CYS D 124 10.53 -16.87 12.14
CA CYS D 124 9.24 -16.83 12.82
C CYS D 124 8.44 -15.62 12.37
N CYS D 125 9.14 -14.59 11.89
CA CYS D 125 8.46 -13.36 11.46
C CYS D 125 8.54 -13.24 9.93
N GLN D 126 8.48 -14.40 9.30
CA GLN D 126 8.32 -14.51 7.83
C GLN D 126 9.56 -13.96 7.15
N GLN D 127 10.70 -13.91 7.87
CA GLN D 127 11.91 -13.45 7.24
C GLN D 127 12.71 -14.64 6.66
N ASN D 128 13.47 -14.37 5.59
CA ASN D 128 14.18 -15.43 4.87
C ASN D 128 15.57 -15.54 5.47
N THR D 129 15.69 -16.33 6.53
CA THR D 129 16.93 -16.40 7.27
C THR D 129 17.80 -17.60 6.84
N GLY D 130 17.17 -18.61 6.25
CA GLY D 130 17.75 -19.96 6.07
C GLY D 130 17.07 -21.01 6.95
N LYS D 131 16.59 -20.59 8.12
CA LYS D 131 16.04 -21.53 9.09
C LYS D 131 14.52 -21.46 9.20
N GLN D 132 13.93 -22.52 9.75
CA GLN D 132 12.48 -22.55 9.97
C GLN D 132 12.20 -22.16 11.42
N CYS D 133 10.95 -21.81 11.70
CA CYS D 133 10.59 -21.39 13.04
C CYS D 133 10.23 -22.55 14.02
N GLY D 134 10.72 -22.45 15.25
CA GLY D 134 10.57 -23.51 16.25
C GLY D 134 11.88 -24.30 16.25
#